data_6YNA
#
_entry.id   6YNA
#
_cell.length_a   58.313
_cell.length_b   72.547
_cell.length_c   109.039
_cell.angle_alpha   90.000
_cell.angle_beta   90.000
_cell.angle_gamma   90.000
#
_symmetry.space_group_name_H-M   'P 21 21 21'
#
loop_
_entity.id
_entity.type
_entity.pdbx_description
1 polymer 'cAMP-dependent protein kinase catalytic subunit alpha'
2 polymer 'cAMP-dependent protein kinase inhibitor alpha'
3 non-polymer (4S)-2-METHYL-2,4-PENTANEDIOL
4 non-polymer 5-(1,4-DIAZEPAN-1-SULFONYL)ISOQUINOLINE
5 water water
#
loop_
_entity_poly.entity_id
_entity_poly.type
_entity_poly.pdbx_seq_one_letter_code
_entity_poly.pdbx_strand_id
1 'polypeptide(L)'
;GHMGNAAAAKKG(SEP)EQESVKEFLAKAKEEFLKKWESPSQNTAQLDHFDRIKTLGTGSFGRVMLVKHKETGNHYAMKI
LDKQKVVKLKQIEHTLNEKRILQAVNFPFLVKLEFSFKDNSNLYMVMEYVPGGEMFSHLRRIGRF(SEP)EPHARFYAAQ
IVLTFEYLHSLDLIYRDLKPENLLIDQQGYIQVTDFGFAKRVKGRTW(TPO)LCGTPEYLAPEIILSKGYNKAVDWWALG
VLIYEMAAGYPPFFADQPIQIYEKIVSGKVRFPSHFSSDLKDLLRNLLQVDLTKRFGNLKNGVNDIKNHKWFATTDWIAI
YQRKVEAPFIPKFKGPGDTSNFDDYEEEEIRV(SEP)INEKCGKEFTEF
;
A
2 'polypeptide(L)' IAAGRTGRRQAIHDILVAA B
#
loop_
_chem_comp.id
_chem_comp.type
_chem_comp.name
_chem_comp.formula
M77 non-polymer 5-(1,4-DIAZEPAN-1-SULFONYL)ISOQUINOLINE 'C14 H17 N3 O2 S'
MPD non-polymer (4S)-2-METHYL-2,4-PENTANEDIOL 'C6 H14 O2'
#
# COMPACT_ATOMS: atom_id res chain seq x y z
N GLY A 1 12.63 -15.90 -31.69
CA GLY A 1 12.52 -15.14 -30.47
C GLY A 1 11.91 -15.97 -29.35
N HIS A 2 11.66 -15.35 -28.20
CA HIS A 2 11.06 -16.07 -27.09
C HIS A 2 9.60 -16.43 -27.36
N MET A 3 8.87 -15.56 -28.04
CA MET A 3 7.47 -15.81 -28.33
C MET A 3 7.29 -16.13 -29.81
N GLY A 4 6.44 -17.12 -30.09
CA GLY A 4 5.97 -17.34 -31.44
C GLY A 4 5.03 -16.23 -31.87
N ASN A 5 4.59 -16.32 -33.13
CA ASN A 5 3.78 -15.26 -33.71
C ASN A 5 2.47 -15.07 -32.95
N ALA A 6 1.78 -16.17 -32.63
CA ALA A 6 0.50 -16.05 -31.93
C ALA A 6 0.67 -15.43 -30.56
N ALA A 7 1.69 -15.87 -29.81
CA ALA A 7 1.91 -15.33 -28.48
C ALA A 7 2.30 -13.86 -28.54
N ALA A 8 3.15 -13.49 -29.50
CA ALA A 8 3.59 -12.10 -29.61
C ALA A 8 2.43 -11.16 -29.89
N ALA A 9 1.58 -11.54 -30.85
CA ALA A 9 0.44 -10.70 -31.20
C ALA A 9 -0.55 -10.59 -30.05
N LYS A 10 -0.77 -11.69 -29.33
CA LYS A 10 -1.66 -11.65 -28.17
C LYS A 10 -1.11 -10.72 -27.10
N LYS A 11 0.20 -10.80 -26.83
CA LYS A 11 0.81 -9.94 -25.83
C LYS A 11 0.75 -8.48 -26.25
N GLY A 12 1.04 -8.18 -27.51
CA GLY A 12 1.01 -6.81 -28.00
C GLY A 12 -0.38 -6.19 -27.86
N SEP A 13 -1.38 -6.95 -28.28
CA SEP A 13 -2.76 -6.48 -28.19
CB SEP A 13 -3.71 -7.47 -28.86
OG SEP A 13 -5.05 -7.17 -28.51
C SEP A 13 -3.14 -6.25 -26.74
O SEP A 13 -3.81 -5.25 -26.41
P SEP A 13 -6.15 -7.48 -29.64
O1P SEP A 13 -6.04 -9.02 -30.05
O2P SEP A 13 -7.56 -7.14 -28.96
O3P SEP A 13 -5.91 -6.57 -30.94
N GLU A 14 -2.73 -7.15 -25.86
CA GLU A 14 -3.00 -7.01 -24.43
C GLU A 14 -2.40 -5.72 -23.86
N GLN A 15 -1.17 -5.41 -24.29
CA GLN A 15 -0.51 -4.22 -23.79
C GLN A 15 -1.17 -2.95 -24.32
N GLU A 16 -1.66 -2.98 -25.57
CA GLU A 16 -2.41 -1.84 -26.08
C GLU A 16 -3.72 -1.66 -25.34
N SER A 17 -4.39 -2.76 -25.00
CA SER A 17 -5.62 -2.65 -24.21
C SER A 17 -5.36 -2.07 -22.83
N VAL A 18 -4.20 -2.35 -22.24
CA VAL A 18 -3.85 -1.71 -20.97
C VAL A 18 -3.80 -0.21 -21.12
N LYS A 19 -3.18 0.28 -22.21
CA LYS A 19 -3.11 1.72 -22.45
C LYS A 19 -4.51 2.32 -22.57
N GLU A 20 -5.41 1.62 -23.25
CA GLU A 20 -6.76 2.12 -23.40
C GLU A 20 -7.48 2.16 -22.06
N PHE A 21 -7.31 1.13 -21.24
CA PHE A 21 -7.90 1.13 -19.90
C PHE A 21 -7.36 2.28 -19.07
N LEU A 22 -6.05 2.49 -19.10
CA LEU A 22 -5.45 3.50 -18.25
C LEU A 22 -5.85 4.90 -18.68
N ALA A 23 -6.05 5.11 -19.98
CA ALA A 23 -6.47 6.43 -20.44
C ALA A 23 -7.87 6.76 -19.92
N LYS A 24 -8.77 5.78 -19.93
CA LYS A 24 -10.10 5.99 -19.38
C LYS A 24 -10.04 6.18 -17.87
N ALA A 25 -9.20 5.41 -17.18
CA ALA A 25 -9.07 5.53 -15.73
C ALA A 25 -8.56 6.91 -15.33
N LYS A 26 -7.67 7.48 -16.14
CA LYS A 26 -7.17 8.82 -15.87
C LYS A 26 -8.27 9.86 -16.03
N GLU A 27 -9.09 9.73 -17.07
CA GLU A 27 -10.22 10.64 -17.24
C GLU A 27 -11.14 10.59 -16.02
N GLU A 28 -11.44 9.39 -15.53
CA GLU A 28 -12.32 9.27 -14.37
C GLU A 28 -11.68 9.85 -13.13
N PHE A 29 -10.39 9.57 -12.91
CA PHE A 29 -9.69 10.08 -11.75
C PHE A 29 -9.66 11.60 -11.74
N LEU A 30 -9.36 12.21 -12.89
CA LEU A 30 -9.22 13.66 -12.92
C LEU A 30 -10.52 14.37 -12.60
N LYS A 31 -11.66 13.79 -13.01
CA LYS A 31 -12.95 14.41 -12.67
C LYS A 31 -13.15 14.47 -11.16
N LYS A 32 -12.81 13.38 -10.45
CA LYS A 32 -12.95 13.36 -9.00
C LYS A 32 -11.86 14.17 -8.31
N TRP A 33 -10.66 14.20 -8.90
CA TRP A 33 -9.53 14.94 -8.33
C TRP A 33 -9.80 16.44 -8.34
N GLU A 34 -10.49 16.93 -9.37
CA GLU A 34 -10.78 18.35 -9.51
C GLU A 34 -12.03 18.79 -8.76
N SER A 35 -12.88 17.85 -8.33
CA SER A 35 -14.09 18.17 -7.58
C SER A 35 -14.26 17.17 -6.45
N PRO A 36 -13.45 17.29 -5.41
CA PRO A 36 -13.49 16.29 -4.33
C PRO A 36 -14.73 16.44 -3.47
N SER A 37 -15.02 15.37 -2.72
CA SER A 37 -16.13 15.34 -1.78
C SER A 37 -15.62 15.63 -0.36
N GLN A 38 -16.51 16.13 0.48
CA GLN A 38 -16.13 16.53 1.83
C GLN A 38 -17.36 16.57 2.72
N ASN A 39 -17.16 16.27 4.00
CA ASN A 39 -18.18 16.40 5.04
C ASN A 39 -19.42 15.54 4.74
N THR A 40 -19.17 14.27 4.44
CA THR A 40 -20.22 13.35 4.05
C THR A 40 -20.80 12.55 5.21
N ALA A 41 -20.40 12.85 6.45
CA ALA A 41 -20.95 12.19 7.63
C ALA A 41 -20.52 12.97 8.88
N GLN A 42 -20.88 12.45 10.05
CA GLN A 42 -20.47 13.04 11.32
C GLN A 42 -20.27 11.94 12.35
N LEU A 43 -19.58 12.29 13.44
CA LEU A 43 -19.11 11.28 14.39
C LEU A 43 -20.27 10.54 15.05
N ASP A 44 -21.32 11.26 15.45
CA ASP A 44 -22.41 10.59 16.17
C ASP A 44 -23.24 9.67 15.28
N HIS A 45 -22.91 9.53 14.00
CA HIS A 45 -23.56 8.56 13.14
C HIS A 45 -23.06 7.15 13.35
N PHE A 46 -22.02 6.94 14.17
CA PHE A 46 -21.35 5.66 14.27
C PHE A 46 -21.19 5.24 15.73
N ASP A 47 -21.30 3.94 15.97
CA ASP A 47 -20.89 3.34 17.23
C ASP A 47 -19.47 2.82 17.08
N ARG A 48 -18.59 3.18 18.00
CA ARG A 48 -17.22 2.71 17.98
C ARG A 48 -17.12 1.37 18.68
N ILE A 49 -16.50 0.40 18.03
CA ILE A 49 -16.49 -1.00 18.49
C ILE A 49 -15.12 -1.37 19.07
N LYS A 50 -14.07 -1.30 18.26
CA LYS A 50 -12.78 -1.84 18.66
C LYS A 50 -11.70 -1.23 17.78
N THR A 51 -10.52 -1.06 18.36
CA THR A 51 -9.36 -0.57 17.60
C THR A 51 -8.77 -1.71 16.78
N LEU A 52 -8.60 -1.48 15.47
CA LEU A 52 -8.07 -2.46 14.54
C LEU A 52 -6.58 -2.29 14.26
N GLY A 53 -6.04 -1.12 14.52
CA GLY A 53 -4.65 -0.84 14.24
C GLY A 53 -4.35 0.57 14.68
N THR A 54 -3.06 0.83 14.87
CA THR A 54 -2.63 2.14 15.34
C THR A 54 -1.55 2.70 14.41
N GLY A 55 -1.41 4.01 14.48
CA GLY A 55 -0.37 4.74 13.79
C GLY A 55 0.14 5.87 14.66
N SER A 56 0.92 6.77 14.09
CA SER A 56 1.52 7.84 14.90
C SER A 56 0.48 8.89 15.28
N PHE A 57 -0.42 9.24 14.36
CA PHE A 57 -1.38 10.31 14.59
C PHE A 57 -2.69 9.83 15.20
N GLY A 58 -2.87 8.53 15.37
CA GLY A 58 -4.11 8.01 15.91
C GLY A 58 -4.31 6.54 15.71
N ARG A 59 -5.51 6.16 15.26
CA ARG A 59 -5.87 4.74 15.22
C ARG A 59 -6.90 4.54 14.13
N VAL A 60 -7.13 3.27 13.80
CA VAL A 60 -8.25 2.85 12.98
C VAL A 60 -9.15 2.00 13.85
N MET A 61 -10.44 2.32 13.87
CA MET A 61 -11.40 1.60 14.69
C MET A 61 -12.47 0.99 13.82
N LEU A 62 -12.89 -0.23 14.18
CA LEU A 62 -14.13 -0.75 13.64
C LEU A 62 -15.29 0.06 14.21
N VAL A 63 -16.13 0.59 13.33
CA VAL A 63 -17.32 1.32 13.72
C VAL A 63 -18.53 0.70 13.03
N LYS A 64 -19.70 0.90 13.63
CA LYS A 64 -20.96 0.45 13.05
C LYS A 64 -21.81 1.67 12.79
N HIS A 65 -22.23 1.85 11.54
CA HIS A 65 -23.12 2.94 11.18
C HIS A 65 -24.48 2.72 11.84
N LYS A 66 -24.95 3.72 12.59
CA LYS A 66 -26.16 3.55 13.38
C LYS A 66 -27.37 3.32 12.48
N GLU A 67 -27.51 4.12 11.42
CA GLU A 67 -28.71 4.04 10.59
C GLU A 67 -28.77 2.73 9.82
N THR A 68 -27.70 2.38 9.11
CA THR A 68 -27.72 1.23 8.20
C THR A 68 -27.22 -0.05 8.84
N GLY A 69 -26.50 0.03 9.95
CA GLY A 69 -25.92 -1.15 10.56
C GLY A 69 -24.69 -1.69 9.86
N ASN A 70 -24.25 -1.05 8.78
CA ASN A 70 -23.04 -1.48 8.10
C ASN A 70 -21.82 -1.17 8.95
N HIS A 71 -20.80 -2.03 8.84
CA HIS A 71 -19.55 -1.84 9.54
C HIS A 71 -18.54 -1.15 8.63
N TYR A 72 -17.67 -0.35 9.24
CA TYR A 72 -16.64 0.39 8.53
C TYR A 72 -15.39 0.47 9.39
N ALA A 73 -14.28 0.81 8.75
CA ALA A 73 -13.03 1.11 9.45
C ALA A 73 -12.84 2.63 9.43
N MET A 74 -12.77 3.23 10.60
CA MET A 74 -12.68 4.68 10.74
C MET A 74 -11.27 5.05 11.20
N LYS A 75 -10.55 5.76 10.35
CA LYS A 75 -9.23 6.28 10.71
C LYS A 75 -9.41 7.64 11.37
N ILE A 76 -8.83 7.79 12.57
CA ILE A 76 -8.95 8.99 13.39
C ILE A 76 -7.57 9.61 13.52
N LEU A 77 -7.44 10.88 13.14
CA LEU A 77 -6.17 11.60 13.24
C LEU A 77 -6.34 12.80 14.16
N ASP A 78 -5.48 12.90 15.17
CA ASP A 78 -5.46 14.05 16.06
C ASP A 78 -4.81 15.22 15.34
N LYS A 79 -5.56 16.30 15.13
CA LYS A 79 -5.04 17.42 14.36
C LYS A 79 -3.76 18.00 14.97
N GLN A 80 -3.69 18.06 16.31
CA GLN A 80 -2.51 18.62 16.96
C GLN A 80 -1.26 17.82 16.64
N LYS A 81 -1.37 16.48 16.63
CA LYS A 81 -0.22 15.65 16.31
C LYS A 81 0.19 15.79 14.86
N VAL A 82 -0.78 15.98 13.96
CA VAL A 82 -0.49 16.10 12.53
C VAL A 82 0.31 17.36 12.25
N VAL A 83 -0.06 18.47 12.88
CA VAL A 83 0.66 19.72 12.68
C VAL A 83 2.08 19.64 13.21
N LYS A 84 2.26 19.03 14.39
CA LYS A 84 3.59 18.95 14.98
C LYS A 84 4.52 18.09 14.14
N LEU A 85 3.99 17.01 13.55
CA LEU A 85 4.79 16.09 12.75
C LEU A 85 4.96 16.55 11.31
N LYS A 86 4.50 17.76 10.98
CA LYS A 86 4.59 18.30 9.62
C LYS A 86 3.94 17.37 8.61
N GLN A 87 2.81 16.78 9.00
CA GLN A 87 2.06 15.85 8.15
C GLN A 87 0.79 16.48 7.60
N ILE A 88 0.64 17.81 7.71
CA ILE A 88 -0.55 18.45 7.18
C ILE A 88 -0.73 18.16 5.71
N GLU A 89 0.30 18.43 4.91
CA GLU A 89 0.25 18.17 3.47
C GLU A 89 -0.01 16.70 3.18
N HIS A 90 0.65 15.81 3.93
CA HIS A 90 0.49 14.38 3.69
C HIS A 90 -0.93 13.92 4.00
N THR A 91 -1.54 14.47 5.04
N THR A 91 -1.54 14.46 5.06
CA THR A 91 -2.90 14.06 5.40
CA THR A 91 -2.90 14.06 5.39
C THR A 91 -3.90 14.59 4.38
C THR A 91 -3.90 14.59 4.38
N LEU A 92 -3.68 15.80 3.87
CA LEU A 92 -4.53 16.31 2.78
C LEU A 92 -4.35 15.47 1.52
N ASN A 93 -3.11 15.05 1.23
CA ASN A 93 -2.84 14.11 0.13
C ASN A 93 -3.67 12.85 0.30
N GLU A 94 -3.61 12.25 1.48
CA GLU A 94 -4.24 10.95 1.73
C GLU A 94 -5.72 11.00 1.43
N LYS A 95 -6.41 11.98 1.98
CA LYS A 95 -7.86 12.07 1.79
C LYS A 95 -8.20 12.38 0.33
N ARG A 96 -7.50 13.34 -0.27
CA ARG A 96 -7.83 13.71 -1.64
C ARG A 96 -7.61 12.56 -2.62
N ILE A 97 -6.52 11.82 -2.45
CA ILE A 97 -6.24 10.69 -3.33
C ILE A 97 -7.25 9.58 -3.13
N LEU A 98 -7.56 9.25 -1.87
CA LEU A 98 -8.45 8.13 -1.61
C LEU A 98 -9.85 8.39 -2.16
N GLN A 99 -10.31 9.64 -2.10
CA GLN A 99 -11.63 9.94 -2.63
C GLN A 99 -11.68 9.90 -4.15
N ALA A 100 -10.55 9.96 -4.84
CA ALA A 100 -10.53 10.08 -6.28
C ALA A 100 -10.17 8.80 -7.02
N VAL A 101 -9.52 7.83 -6.37
CA VAL A 101 -9.07 6.62 -7.05
C VAL A 101 -10.19 5.60 -7.09
N ASN A 102 -10.03 4.58 -7.95
CA ASN A 102 -10.99 3.49 -8.04
C ASN A 102 -10.27 2.30 -8.66
N PHE A 103 -10.02 1.25 -7.88
CA PHE A 103 -9.34 0.06 -8.37
C PHE A 103 -9.69 -1.09 -7.44
N PRO A 104 -9.75 -2.33 -7.95
CA PRO A 104 -10.28 -3.42 -7.11
C PRO A 104 -9.45 -3.73 -5.89
N PHE A 105 -8.18 -3.32 -5.86
CA PHE A 105 -7.27 -3.63 -4.76
C PHE A 105 -6.93 -2.42 -3.92
N LEU A 106 -7.67 -1.33 -4.07
CA LEU A 106 -7.49 -0.13 -3.27
C LEU A 106 -8.70 0.02 -2.35
N VAL A 107 -8.45 0.22 -1.06
CA VAL A 107 -9.56 0.34 -0.12
C VAL A 107 -10.44 1.52 -0.52
N LYS A 108 -11.74 1.36 -0.33
CA LYS A 108 -12.71 2.37 -0.75
C LYS A 108 -13.07 3.28 0.42
N LEU A 109 -12.89 4.58 0.22
CA LEU A 109 -13.30 5.60 1.18
C LEU A 109 -14.79 5.89 0.99
N GLU A 110 -15.54 5.81 2.08
CA GLU A 110 -16.98 6.04 2.05
C GLU A 110 -17.38 7.41 2.57
N PHE A 111 -16.74 7.88 3.65
CA PHE A 111 -17.05 9.17 4.23
C PHE A 111 -15.79 9.81 4.76
N SER A 112 -15.82 11.14 4.88
CA SER A 112 -14.75 11.88 5.54
C SER A 112 -15.35 13.12 6.19
N PHE A 113 -14.77 13.53 7.30
CA PHE A 113 -15.25 14.70 8.04
C PHE A 113 -14.23 15.05 9.12
N LYS A 114 -14.48 16.16 9.80
CA LYS A 114 -13.57 16.66 10.83
C LYS A 114 -14.38 17.30 11.93
N ASP A 115 -13.75 17.46 13.09
CA ASP A 115 -14.38 18.15 14.21
C ASP A 115 -13.34 19.07 14.85
N ASN A 116 -13.60 19.50 16.08
CA ASN A 116 -12.70 20.42 16.76
C ASN A 116 -11.32 19.81 16.98
N SER A 117 -11.25 18.49 17.18
CA SER A 117 -9.98 17.86 17.54
C SER A 117 -9.39 16.96 16.47
N ASN A 118 -10.22 16.30 15.67
CA ASN A 118 -9.74 15.20 14.85
C ASN A 118 -10.18 15.33 13.40
N LEU A 119 -9.48 14.58 12.55
CA LEU A 119 -9.89 14.29 11.18
C LEU A 119 -10.32 12.83 11.13
N TYR A 120 -11.30 12.54 10.29
CA TYR A 120 -11.86 11.19 10.20
C TYR A 120 -11.98 10.76 8.75
N MET A 121 -11.55 9.53 8.46
CA MET A 121 -11.74 8.90 7.16
C MET A 121 -12.37 7.54 7.39
N VAL A 122 -13.56 7.35 6.83
CA VAL A 122 -14.35 6.13 7.04
C VAL A 122 -14.27 5.29 5.78
N MET A 123 -13.70 4.09 5.89
CA MET A 123 -13.43 3.21 4.77
C MET A 123 -14.17 1.89 4.92
N GLU A 124 -14.27 1.16 3.82
CA GLU A 124 -14.79 -0.19 3.84
C GLU A 124 -14.02 -1.03 4.85
N TYR A 125 -14.75 -1.81 5.65
CA TYR A 125 -14.10 -2.73 6.58
C TYR A 125 -13.67 -3.98 5.84
N VAL A 126 -12.38 -4.32 5.96
CA VAL A 126 -11.79 -5.47 5.30
C VAL A 126 -11.46 -6.48 6.39
N PRO A 127 -12.25 -7.55 6.54
CA PRO A 127 -12.23 -8.32 7.79
C PRO A 127 -11.13 -9.36 7.90
N GLY A 128 -10.38 -9.63 6.84
CA GLY A 128 -9.45 -10.73 6.87
C GLY A 128 -8.13 -10.47 7.56
N GLY A 129 -7.89 -9.23 8.01
CA GLY A 129 -6.67 -8.90 8.72
C GLY A 129 -5.54 -8.48 7.80
N GLU A 130 -4.45 -8.03 8.42
CA GLU A 130 -3.27 -7.62 7.68
C GLU A 130 -2.51 -8.82 7.15
N MET A 131 -1.96 -8.68 5.94
CA MET A 131 -1.03 -9.69 5.44
C MET A 131 0.09 -9.94 6.45
N PHE A 132 0.53 -8.86 7.12
CA PHE A 132 1.61 -8.96 8.12
C PHE A 132 1.37 -10.08 9.13
N SER A 133 0.17 -10.14 9.72
N SER A 133 0.17 -10.09 9.74
CA SER A 133 -0.03 -11.15 10.77
CA SER A 133 -0.17 -11.11 10.74
C SER A 133 -0.14 -12.56 10.20
C SER A 133 -0.06 -12.51 10.14
N HIS A 134 -0.72 -12.73 9.00
CA HIS A 134 -0.71 -14.05 8.38
C HIS A 134 0.71 -14.49 8.04
N LEU A 135 1.52 -13.56 7.53
CA LEU A 135 2.90 -13.89 7.16
C LEU A 135 3.73 -14.25 8.39
N ARG A 136 3.62 -13.46 9.47
CA ARG A 136 4.38 -13.77 10.67
C ARG A 136 3.93 -15.09 11.29
N ARG A 137 2.64 -15.41 11.16
CA ARG A 137 2.12 -16.64 11.77
C ARG A 137 2.61 -17.87 11.02
N ILE A 138 2.56 -17.85 9.68
N ILE A 138 2.56 -17.86 9.68
CA ILE A 138 2.94 -18.99 8.87
CA ILE A 138 2.95 -19.05 8.92
C ILE A 138 4.45 -19.11 8.76
C ILE A 138 4.43 -19.07 8.54
N GLY A 139 5.16 -17.98 8.77
CA GLY A 139 6.59 -17.97 8.52
C GLY A 139 6.89 -17.32 7.19
N ARG A 140 6.58 -18.02 6.10
N ARG A 140 6.61 -18.03 6.10
CA ARG A 140 6.79 -17.49 4.76
CA ARG A 140 6.78 -17.51 4.75
C ARG A 140 5.76 -18.09 3.82
C ARG A 140 5.67 -18.04 3.86
N PHE A 141 5.49 -17.37 2.74
CA PHE A 141 4.56 -17.84 1.71
C PHE A 141 5.35 -18.60 0.64
N SEP A 142 4.77 -19.65 0.10
CA SEP A 142 5.39 -20.33 -1.05
CB SEP A 142 4.61 -21.57 -1.41
OG SEP A 142 3.40 -21.19 -2.04
C SEP A 142 5.43 -19.36 -2.24
O SEP A 142 4.70 -18.36 -2.26
P SEP A 142 2.33 -22.38 -2.10
O1P SEP A 142 2.99 -23.69 -2.75
O2P SEP A 142 1.15 -21.81 -3.03
O3P SEP A 142 1.76 -22.68 -0.61
N GLU A 143 6.27 -19.64 -3.22
CA GLU A 143 6.36 -18.71 -4.36
C GLU A 143 5.03 -18.45 -5.10
N PRO A 144 4.22 -19.48 -5.36
CA PRO A 144 2.92 -19.20 -5.99
C PRO A 144 2.02 -18.32 -5.14
N HIS A 145 2.04 -18.52 -3.82
CA HIS A 145 1.25 -17.71 -2.90
C HIS A 145 1.74 -16.26 -2.91
N ALA A 146 3.06 -16.08 -2.80
CA ALA A 146 3.64 -14.73 -2.88
C ALA A 146 3.34 -14.09 -4.23
N ARG A 147 3.38 -14.88 -5.30
CA ARG A 147 3.18 -14.34 -6.65
C ARG A 147 1.75 -13.83 -6.82
N PHE A 148 0.77 -14.53 -6.25
CA PHE A 148 -0.63 -14.09 -6.31
C PHE A 148 -0.79 -12.69 -5.72
N TYR A 149 -0.20 -12.45 -4.54
CA TYR A 149 -0.26 -11.11 -3.94
C TYR A 149 0.56 -10.12 -4.75
N ALA A 150 1.77 -10.51 -5.17
CA ALA A 150 2.64 -9.58 -5.90
C ALA A 150 1.97 -9.08 -7.17
N ALA A 151 1.26 -9.97 -7.88
CA ALA A 151 0.59 -9.57 -9.12
C ALA A 151 -0.41 -8.45 -8.86
N GLN A 152 -1.12 -8.51 -7.73
CA GLN A 152 -2.08 -7.46 -7.43
C GLN A 152 -1.39 -6.13 -7.17
N ILE A 153 -0.22 -6.17 -6.50
CA ILE A 153 0.52 -4.94 -6.27
C ILE A 153 1.05 -4.38 -7.59
N VAL A 154 1.56 -5.24 -8.47
CA VAL A 154 2.03 -4.77 -9.78
C VAL A 154 0.92 -4.03 -10.51
N LEU A 155 -0.29 -4.61 -10.56
CA LEU A 155 -1.39 -3.95 -11.25
C LEU A 155 -1.80 -2.65 -10.56
N THR A 156 -1.80 -2.66 -9.22
CA THR A 156 -2.17 -1.47 -8.48
C THR A 156 -1.18 -0.34 -8.73
N PHE A 157 0.12 -0.65 -8.74
CA PHE A 157 1.11 0.38 -9.04
C PHE A 157 1.03 0.82 -10.50
N GLU A 158 0.74 -0.11 -11.42
CA GLU A 158 0.56 0.31 -12.80
C GLU A 158 -0.55 1.36 -12.90
N TYR A 159 -1.66 1.11 -12.20
CA TYR A 159 -2.76 2.06 -12.13
C TYR A 159 -2.32 3.38 -11.48
N LEU A 160 -1.76 3.30 -10.28
CA LEU A 160 -1.45 4.52 -9.54
C LEU A 160 -0.42 5.37 -10.30
N HIS A 161 0.64 4.74 -10.81
CA HIS A 161 1.68 5.49 -11.48
C HIS A 161 1.16 6.13 -12.77
N SER A 162 0.17 5.50 -13.44
CA SER A 162 -0.41 6.10 -14.63
C SER A 162 -1.12 7.41 -14.30
N LEU A 163 -1.58 7.56 -13.05
CA LEU A 163 -2.22 8.76 -12.56
C LEU A 163 -1.24 9.74 -11.95
N ASP A 164 0.07 9.47 -12.09
CA ASP A 164 1.13 10.26 -11.46
C ASP A 164 1.07 10.20 -9.93
N LEU A 165 0.59 9.09 -9.39
CA LEU A 165 0.56 8.89 -7.95
C LEU A 165 1.67 7.94 -7.53
N ILE A 166 2.45 8.35 -6.55
N ILE A 166 2.43 8.33 -6.52
CA ILE A 166 3.42 7.48 -5.90
CA ILE A 166 3.42 7.46 -5.91
C ILE A 166 2.83 7.04 -4.57
C ILE A 166 2.93 7.07 -4.52
N TYR A 167 3.05 5.79 -4.19
CA TYR A 167 2.42 5.25 -2.98
C TYR A 167 3.28 5.44 -1.74
N ARG A 168 4.53 4.99 -1.78
CA ARG A 168 5.56 5.33 -0.81
C ARG A 168 5.43 4.66 0.56
N ASP A 169 4.57 3.67 0.75
CA ASP A 169 4.60 2.95 2.02
C ASP A 169 4.16 1.49 1.85
N LEU A 170 4.63 0.84 0.79
CA LEU A 170 4.33 -0.59 0.66
C LEU A 170 5.00 -1.39 1.78
N LYS A 171 4.22 -2.27 2.42
CA LYS A 171 4.71 -3.22 3.42
C LYS A 171 3.53 -4.11 3.81
N PRO A 172 3.78 -5.31 4.36
CA PRO A 172 2.66 -6.21 4.71
C PRO A 172 1.69 -5.63 5.71
N GLU A 173 2.14 -4.73 6.59
CA GLU A 173 1.25 -4.07 7.55
C GLU A 173 0.15 -3.27 6.88
N ASN A 174 0.37 -2.83 5.63
CA ASN A 174 -0.57 -1.97 4.92
C ASN A 174 -1.42 -2.71 3.92
N LEU A 175 -1.34 -4.03 3.89
CA LEU A 175 -2.06 -4.82 2.89
C LEU A 175 -3.05 -5.71 3.64
N LEU A 176 -4.34 -5.47 3.43
CA LEU A 176 -5.36 -6.26 4.10
C LEU A 176 -5.87 -7.34 3.15
N ILE A 177 -6.34 -8.44 3.74
CA ILE A 177 -6.87 -9.57 2.98
C ILE A 177 -8.38 -9.50 3.08
N ASP A 178 -9.06 -9.51 1.93
CA ASP A 178 -10.51 -9.41 1.93
C ASP A 178 -11.16 -10.80 2.02
N GLN A 179 -12.49 -10.82 1.99
CA GLN A 179 -13.21 -12.08 2.19
C GLN A 179 -12.98 -13.08 1.07
N GLN A 180 -12.50 -12.63 -0.08
CA GLN A 180 -12.17 -13.53 -1.18
C GLN A 180 -10.69 -13.88 -1.24
N GLY A 181 -9.90 -13.44 -0.28
CA GLY A 181 -8.47 -13.70 -0.29
C GLY A 181 -7.64 -12.73 -1.10
N TYR A 182 -8.25 -11.67 -1.62
CA TYR A 182 -7.53 -10.67 -2.41
C TYR A 182 -7.06 -9.52 -1.51
N ILE A 183 -6.14 -8.72 -2.04
CA ILE A 183 -5.49 -7.64 -1.31
C ILE A 183 -6.31 -6.35 -1.40
N GLN A 184 -6.37 -5.63 -0.28
CA GLN A 184 -6.80 -4.24 -0.24
C GLN A 184 -5.65 -3.41 0.32
N VAL A 185 -5.14 -2.49 -0.50
CA VAL A 185 -4.10 -1.57 -0.05
C VAL A 185 -4.75 -0.49 0.80
N THR A 186 -4.20 -0.25 1.99
N THR A 186 -4.20 -0.25 1.98
CA THR A 186 -4.65 0.81 2.87
CA THR A 186 -4.66 0.80 2.88
C THR A 186 -3.49 1.78 3.13
C THR A 186 -3.49 1.72 3.20
N ASP A 187 -3.78 2.79 3.93
CA ASP A 187 -2.77 3.73 4.40
C ASP A 187 -2.14 4.53 3.26
N PHE A 188 -2.87 5.54 2.80
CA PHE A 188 -2.37 6.45 1.78
C PHE A 188 -1.70 7.69 2.38
N GLY A 189 -1.23 7.59 3.63
CA GLY A 189 -0.65 8.73 4.31
C GLY A 189 0.58 9.33 3.64
N PHE A 190 1.29 8.56 2.82
CA PHE A 190 2.44 9.09 2.11
C PHE A 190 2.23 9.16 0.62
N ALA A 191 1.05 8.81 0.13
CA ALA A 191 0.80 8.88 -1.29
C ALA A 191 0.78 10.33 -1.75
N LYS A 192 1.25 10.56 -2.96
CA LYS A 192 1.40 11.93 -3.45
C LYS A 192 1.29 11.95 -4.96
N ARG A 193 0.64 12.99 -5.48
CA ARG A 193 0.63 13.22 -6.91
C ARG A 193 1.93 13.94 -7.30
N VAL A 194 2.75 13.27 -8.11
CA VAL A 194 4.10 13.70 -8.44
C VAL A 194 4.28 13.51 -9.94
N LYS A 195 4.58 14.58 -10.66
CA LYS A 195 4.78 14.43 -12.09
C LYS A 195 6.16 13.85 -12.43
N GLY A 196 7.18 14.25 -11.68
CA GLY A 196 8.52 13.75 -11.88
C GLY A 196 9.22 13.41 -10.57
N ARG A 197 9.97 14.35 -10.02
N ARG A 197 9.99 14.35 -10.03
CA ARG A 197 10.73 14.14 -8.80
CA ARG A 197 10.74 14.15 -8.80
C ARG A 197 9.99 14.70 -7.59
C ARG A 197 9.96 14.67 -7.60
N THR A 198 10.25 14.08 -6.44
CA THR A 198 9.82 14.62 -5.15
C THR A 198 10.96 14.40 -4.15
N TRP A 199 10.89 15.06 -3.00
CA TRP A 199 12.07 15.16 -2.11
C TRP A 199 11.87 14.77 -0.65
N TPO A 200 10.63 14.48 -0.22
CA TPO A 200 10.39 14.24 1.21
CB TPO A 200 8.89 14.24 1.50
CG2 TPO A 200 8.67 14.19 3.02
OG1 TPO A 200 8.29 15.44 1.01
P TPO A 200 7.19 15.19 -0.13
O1P TPO A 200 7.89 14.30 -1.23
O2P TPO A 200 6.86 16.64 -0.67
O3P TPO A 200 6.00 14.52 0.44
C TPO A 200 11.02 12.94 1.68
O TPO A 200 10.85 11.89 1.05
N LEU A 201 11.75 12.98 2.79
CA LEU A 201 12.30 11.78 3.39
C LEU A 201 11.20 11.11 4.20
N CYS A 202 10.54 10.11 3.63
CA CYS A 202 9.44 9.44 4.33
C CYS A 202 9.32 8.02 3.82
N GLY A 203 8.68 7.18 4.63
CA GLY A 203 8.49 5.77 4.36
C GLY A 203 8.84 4.94 5.58
N THR A 204 9.02 3.64 5.37
CA THR A 204 9.38 2.74 6.45
C THR A 204 10.77 2.19 6.20
N PRO A 205 11.66 2.25 7.19
CA PRO A 205 13.10 1.99 6.94
C PRO A 205 13.41 0.78 6.07
N GLU A 206 12.86 -0.40 6.40
CA GLU A 206 13.20 -1.61 5.66
C GLU A 206 12.80 -1.54 4.20
N TYR A 207 11.85 -0.66 3.84
CA TYR A 207 11.30 -0.59 2.50
C TYR A 207 11.81 0.61 1.70
N LEU A 208 12.69 1.44 2.28
CA LEU A 208 13.16 2.64 1.60
C LEU A 208 14.16 2.32 0.51
N ALA A 209 13.95 2.92 -0.67
CA ALA A 209 14.92 2.81 -1.75
C ALA A 209 16.18 3.60 -1.39
N PRO A 210 17.34 3.20 -1.93
CA PRO A 210 18.59 3.91 -1.58
C PRO A 210 18.53 5.40 -1.87
N GLU A 211 17.89 5.79 -2.97
CA GLU A 211 17.85 7.20 -3.32
C GLU A 211 17.06 8.04 -2.31
N ILE A 212 16.10 7.45 -1.59
CA ILE A 212 15.45 8.19 -0.50
C ILE A 212 16.44 8.42 0.63
N ILE A 213 17.10 7.35 1.09
CA ILE A 213 18.08 7.42 2.17
C ILE A 213 19.18 8.40 1.85
N LEU A 214 19.57 8.48 0.58
CA LEU A 214 20.66 9.37 0.17
C LEU A 214 20.20 10.80 -0.11
N SER A 215 18.97 11.15 0.25
CA SER A 215 18.48 12.52 0.12
C SER A 215 18.54 13.02 -1.32
N LYS A 216 18.27 12.13 -2.27
CA LYS A 216 18.16 12.52 -3.66
C LYS A 216 16.71 12.84 -3.98
N GLY A 217 16.51 13.73 -4.95
CA GLY A 217 15.19 13.83 -5.55
C GLY A 217 14.89 12.49 -6.20
N TYR A 218 13.72 11.93 -5.93
CA TYR A 218 13.44 10.58 -6.39
C TYR A 218 12.09 10.55 -7.10
N ASN A 219 11.81 9.44 -7.75
CA ASN A 219 10.60 9.31 -8.55
C ASN A 219 9.81 8.04 -8.20
N LYS A 220 8.84 7.69 -9.05
CA LYS A 220 7.97 6.56 -8.78
C LYS A 220 8.71 5.23 -8.70
N ALA A 221 9.96 5.17 -9.17
CA ALA A 221 10.73 3.94 -9.09
C ALA A 221 10.98 3.49 -7.65
N VAL A 222 10.79 4.37 -6.65
CA VAL A 222 10.90 3.93 -5.27
C VAL A 222 9.86 2.88 -4.94
N ASP A 223 8.68 2.94 -5.59
CA ASP A 223 7.64 1.93 -5.36
C ASP A 223 8.06 0.57 -5.92
N TRP A 224 8.79 0.56 -7.04
CA TRP A 224 9.23 -0.71 -7.60
C TRP A 224 10.33 -1.34 -6.76
N TRP A 225 11.22 -0.52 -6.20
CA TRP A 225 12.15 -1.03 -5.19
C TRP A 225 11.39 -1.67 -4.04
N ALA A 226 10.40 -0.96 -3.51
CA ALA A 226 9.63 -1.48 -2.38
C ALA A 226 8.92 -2.78 -2.74
N LEU A 227 8.46 -2.92 -3.98
CA LEU A 227 7.88 -4.20 -4.40
C LEU A 227 8.91 -5.32 -4.29
N GLY A 228 10.16 -5.05 -4.66
CA GLY A 228 11.21 -6.05 -4.49
C GLY A 228 11.37 -6.45 -3.03
N VAL A 229 11.34 -5.46 -2.12
CA VAL A 229 11.42 -5.77 -0.69
C VAL A 229 10.23 -6.62 -0.25
N LEU A 230 9.02 -6.26 -0.70
CA LEU A 230 7.82 -7.00 -0.32
C LEU A 230 7.87 -8.44 -0.81
N ILE A 231 8.22 -8.64 -2.09
CA ILE A 231 8.26 -10.00 -2.62
C ILE A 231 9.29 -10.83 -1.87
N TYR A 232 10.47 -10.26 -1.62
CA TYR A 232 11.48 -10.95 -0.83
C TYR A 232 10.93 -11.34 0.54
N GLU A 233 10.31 -10.38 1.25
CA GLU A 233 9.80 -10.69 2.59
C GLU A 233 8.70 -11.74 2.56
N MET A 234 7.78 -11.64 1.60
CA MET A 234 6.73 -12.67 1.50
C MET A 234 7.34 -14.05 1.29
N ALA A 235 8.35 -14.16 0.43
CA ALA A 235 8.89 -15.47 0.08
C ALA A 235 9.93 -15.98 1.08
N ALA A 236 10.59 -15.09 1.82
CA ALA A 236 11.61 -15.50 2.78
C ALA A 236 11.10 -15.53 4.21
N GLY A 237 10.15 -14.65 4.55
CA GLY A 237 9.67 -14.48 5.90
C GLY A 237 10.31 -13.31 6.63
N TYR A 238 11.32 -12.69 6.04
CA TYR A 238 12.02 -11.54 6.60
C TYR A 238 12.50 -10.70 5.42
N PRO A 239 12.71 -9.41 5.61
CA PRO A 239 13.07 -8.55 4.47
C PRO A 239 14.56 -8.64 4.16
N PRO A 240 14.97 -8.12 3.00
CA PRO A 240 16.36 -8.32 2.55
C PRO A 240 17.38 -7.48 3.30
N PHE A 241 16.96 -6.39 3.94
CA PHE A 241 17.87 -5.49 4.65
C PHE A 241 17.31 -5.40 6.06
N PHE A 242 17.95 -6.12 6.97
CA PHE A 242 17.31 -6.58 8.21
C PHE A 242 18.30 -6.30 9.33
N ALA A 243 17.92 -5.39 10.22
CA ALA A 243 18.77 -5.03 11.36
C ALA A 243 17.91 -4.39 12.44
N ASP A 244 18.44 -4.36 13.66
CA ASP A 244 17.64 -3.91 14.80
C ASP A 244 17.36 -2.42 14.76
N GLN A 245 18.27 -1.61 14.21
CA GLN A 245 18.13 -0.16 14.28
C GLN A 245 18.08 0.44 12.88
N PRO A 246 17.30 1.52 12.68
CA PRO A 246 17.22 2.13 11.35
C PRO A 246 18.55 2.49 10.72
N ILE A 247 19.49 3.06 11.46
CA ILE A 247 20.78 3.43 10.86
C ILE A 247 21.46 2.21 10.24
N GLN A 248 21.36 1.05 10.91
CA GLN A 248 21.99 -0.16 10.38
C GLN A 248 21.25 -0.66 9.15
N ILE A 249 19.91 -0.52 9.15
CA ILE A 249 19.12 -0.88 7.98
C ILE A 249 19.55 -0.04 6.78
N TYR A 250 19.72 1.27 6.98
CA TYR A 250 20.05 2.17 5.88
C TYR A 250 21.40 1.82 5.28
N GLU A 251 22.38 1.46 6.12
CA GLU A 251 23.69 1.09 5.63
C GLU A 251 23.60 -0.13 4.71
N LYS A 252 22.77 -1.11 5.06
CA LYS A 252 22.64 -2.30 4.22
C LYS A 252 21.96 -1.98 2.90
N ILE A 253 20.94 -1.11 2.93
CA ILE A 253 20.21 -0.76 1.70
C ILE A 253 21.15 -0.10 0.69
N VAL A 254 21.94 0.87 1.13
N VAL A 254 21.94 0.86 1.15
CA VAL A 254 22.78 1.61 0.19
CA VAL A 254 22.81 1.62 0.25
C VAL A 254 23.97 0.80 -0.30
C VAL A 254 23.91 0.75 -0.33
N SER A 255 24.38 -0.24 0.44
CA SER A 255 25.41 -1.13 -0.07
C SER A 255 24.94 -1.88 -1.31
N GLY A 256 23.63 -2.14 -1.40
CA GLY A 256 23.04 -2.86 -2.50
C GLY A 256 23.17 -4.37 -2.42
N LYS A 257 24.08 -4.88 -1.59
CA LYS A 257 24.29 -6.32 -1.50
C LYS A 257 23.04 -7.01 -0.96
N VAL A 258 22.51 -7.95 -1.73
CA VAL A 258 21.38 -8.77 -1.32
C VAL A 258 21.79 -10.23 -1.36
N ARG A 259 21.48 -10.96 -0.30
CA ARG A 259 21.65 -12.39 -0.24
C ARG A 259 20.27 -13.04 -0.20
N PHE A 260 20.16 -14.22 -0.79
CA PHE A 260 18.86 -14.87 -0.94
C PHE A 260 18.86 -16.23 -0.25
N PRO A 261 17.72 -16.63 0.32
CA PRO A 261 17.60 -18.00 0.85
C PRO A 261 17.85 -19.03 -0.25
N SER A 262 18.42 -20.17 0.14
CA SER A 262 18.71 -21.23 -0.81
C SER A 262 17.45 -21.78 -1.46
N HIS A 263 16.28 -21.59 -0.85
CA HIS A 263 15.05 -22.09 -1.45
C HIS A 263 14.45 -21.17 -2.51
N PHE A 264 14.96 -19.95 -2.69
CA PHE A 264 14.46 -19.07 -3.75
C PHE A 264 14.79 -19.67 -5.11
N SER A 265 13.80 -19.70 -6.01
CA SER A 265 14.06 -20.11 -7.37
C SER A 265 14.96 -19.09 -8.07
N SER A 266 15.64 -19.55 -9.12
CA SER A 266 16.47 -18.64 -9.90
C SER A 266 15.64 -17.56 -10.57
N ASP A 267 14.42 -17.89 -11.02
CA ASP A 267 13.55 -16.87 -11.60
C ASP A 267 13.26 -15.77 -10.58
N LEU A 268 12.97 -16.16 -9.34
CA LEU A 268 12.69 -15.17 -8.30
C LEU A 268 13.91 -14.31 -8.02
N LYS A 269 15.09 -14.93 -7.89
CA LYS A 269 16.29 -14.16 -7.63
C LYS A 269 16.56 -13.17 -8.76
N ASP A 270 16.34 -13.59 -10.01
CA ASP A 270 16.56 -12.68 -11.12
C ASP A 270 15.61 -11.49 -11.05
N LEU A 271 14.32 -11.75 -10.81
CA LEU A 271 13.38 -10.64 -10.65
C LEU A 271 13.82 -9.70 -9.53
N LEU A 272 14.19 -10.26 -8.38
CA LEU A 272 14.53 -9.42 -7.23
C LEU A 272 15.80 -8.62 -7.47
N ARG A 273 16.79 -9.19 -8.17
CA ARG A 273 18.00 -8.41 -8.46
C ARG A 273 17.69 -7.23 -9.36
N ASN A 274 16.68 -7.35 -10.21
CA ASN A 274 16.28 -6.28 -11.11
C ASN A 274 15.35 -5.25 -10.46
N LEU A 275 14.62 -5.63 -9.39
CA LEU A 275 13.85 -4.65 -8.62
C LEU A 275 14.70 -3.97 -7.55
N LEU A 276 15.52 -4.75 -6.83
CA LEU A 276 16.41 -4.23 -5.79
C LEU A 276 17.73 -3.74 -6.39
N GLN A 277 17.58 -2.92 -7.41
CA GLN A 277 18.69 -2.44 -8.22
C GLN A 277 18.97 -0.98 -7.83
N VAL A 278 20.16 -0.74 -7.28
N VAL A 278 20.18 -0.74 -7.29
CA VAL A 278 20.52 0.62 -6.86
CA VAL A 278 20.55 0.61 -6.85
C VAL A 278 20.56 1.55 -8.07
C VAL A 278 20.69 1.57 -8.03
N ASP A 279 21.08 1.07 -9.19
CA ASP A 279 21.29 1.90 -10.38
C ASP A 279 19.94 2.14 -11.05
N LEU A 280 19.44 3.37 -11.01
N LEU A 280 19.44 3.39 -11.00
CA LEU A 280 18.11 3.67 -11.54
CA LEU A 280 18.13 3.69 -11.55
C LEU A 280 18.04 3.49 -13.06
C LEU A 280 18.05 3.42 -13.04
N THR A 281 19.17 3.53 -13.76
CA THR A 281 19.18 3.24 -15.19
C THR A 281 18.97 1.76 -15.49
N LYS A 282 18.98 0.91 -14.47
CA LYS A 282 18.82 -0.53 -14.65
C LYS A 282 17.63 -1.11 -13.89
N ARG A 283 16.95 -0.34 -13.05
CA ARG A 283 15.90 -0.90 -12.21
C ARG A 283 14.63 -1.16 -13.01
N PHE A 284 14.10 -2.38 -12.90
CA PHE A 284 12.83 -2.71 -13.53
C PHE A 284 11.73 -1.79 -13.02
N GLY A 285 10.83 -1.40 -13.93
CA GLY A 285 9.84 -0.39 -13.65
C GLY A 285 10.28 1.01 -13.98
N ASN A 286 11.59 1.21 -14.21
CA ASN A 286 12.14 2.52 -14.50
C ASN A 286 12.79 2.58 -15.89
N LEU A 287 12.57 1.58 -16.74
CA LEU A 287 13.21 1.50 -18.03
C LEU A 287 12.23 1.87 -19.14
N LYS A 288 12.73 1.83 -20.38
CA LYS A 288 11.91 2.20 -21.53
C LYS A 288 10.66 1.35 -21.63
N ASN A 289 10.78 0.06 -21.32
N ASN A 289 10.77 0.06 -21.33
CA ASN A 289 9.68 -0.89 -21.40
CA ASN A 289 9.62 -0.82 -21.42
C ASN A 289 8.74 -0.79 -20.18
C ASN A 289 8.68 -0.72 -20.23
N GLY A 290 9.02 0.10 -19.23
CA GLY A 290 8.10 0.35 -18.14
C GLY A 290 7.71 -0.87 -17.35
N VAL A 291 6.41 -0.95 -17.01
CA VAL A 291 5.91 -2.04 -16.17
C VAL A 291 6.00 -3.38 -16.88
N ASN A 292 6.12 -3.37 -18.21
CA ASN A 292 6.14 -4.63 -18.94
C ASN A 292 7.39 -5.45 -18.63
N ASP A 293 8.49 -4.81 -18.24
CA ASP A 293 9.65 -5.60 -17.83
C ASP A 293 9.31 -6.48 -16.64
N ILE A 294 8.45 -6.00 -15.75
CA ILE A 294 8.02 -6.80 -14.61
C ILE A 294 6.97 -7.81 -15.03
N LYS A 295 5.93 -7.35 -15.73
CA LYS A 295 4.79 -8.22 -16.03
C LYS A 295 5.20 -9.38 -16.95
N ASN A 296 6.23 -9.19 -17.77
CA ASN A 296 6.67 -10.21 -18.72
C ASN A 296 7.87 -11.00 -18.22
N HIS A 297 8.28 -10.79 -16.97
CA HIS A 297 9.39 -11.55 -16.42
C HIS A 297 8.98 -13.02 -16.23
N LYS A 298 9.98 -13.90 -16.36
CA LYS A 298 9.74 -15.34 -16.23
C LYS A 298 9.05 -15.71 -14.93
N TRP A 299 9.32 -15.00 -13.82
CA TRP A 299 8.69 -15.38 -12.57
C TRP A 299 7.18 -15.22 -12.63
N PHE A 300 6.68 -14.32 -13.48
CA PHE A 300 5.25 -14.09 -13.65
C PHE A 300 4.67 -14.82 -14.86
N ALA A 301 5.40 -15.78 -15.44
CA ALA A 301 4.95 -16.42 -16.67
C ALA A 301 3.60 -17.11 -16.52
N THR A 302 3.27 -17.62 -15.34
CA THR A 302 2.01 -18.31 -15.11
C THR A 302 0.88 -17.36 -14.72
N THR A 303 1.15 -16.06 -14.62
CA THR A 303 0.18 -15.10 -14.13
C THR A 303 -0.72 -14.63 -15.26
N ASP A 304 -2.03 -14.84 -15.10
CA ASP A 304 -3.04 -14.31 -16.01
C ASP A 304 -3.46 -12.96 -15.45
N TRP A 305 -2.89 -11.88 -16.02
CA TRP A 305 -3.08 -10.55 -15.47
C TRP A 305 -4.53 -10.13 -15.47
N ILE A 306 -5.27 -10.42 -16.56
CA ILE A 306 -6.68 -10.05 -16.61
C ILE A 306 -7.47 -10.85 -15.58
N ALA A 307 -7.16 -12.14 -15.42
CA ALA A 307 -7.89 -12.95 -14.45
C ALA A 307 -7.65 -12.45 -13.02
N ILE A 308 -6.43 -11.99 -12.73
CA ILE A 308 -6.17 -11.38 -11.43
C ILE A 308 -7.01 -10.12 -11.25
N TYR A 309 -7.00 -9.24 -12.25
CA TYR A 309 -7.79 -8.02 -12.17
C TYR A 309 -9.27 -8.33 -11.97
N GLN A 310 -9.79 -9.34 -12.67
CA GLN A 310 -11.19 -9.74 -12.56
C GLN A 310 -11.49 -10.56 -11.31
N ARG A 311 -10.46 -10.88 -10.51
CA ARG A 311 -10.63 -11.62 -9.28
C ARG A 311 -11.19 -13.02 -9.53
N LYS A 312 -10.76 -13.62 -10.65
CA LYS A 312 -11.22 -14.94 -11.05
C LYS A 312 -10.20 -16.04 -10.76
N VAL A 313 -9.03 -15.69 -10.23
CA VAL A 313 -8.05 -16.67 -9.81
C VAL A 313 -8.37 -17.13 -8.40
N GLU A 314 -8.31 -18.44 -8.17
CA GLU A 314 -8.57 -18.98 -6.84
C GLU A 314 -7.49 -18.50 -5.88
N ALA A 315 -7.91 -17.88 -4.78
CA ALA A 315 -6.96 -17.35 -3.82
C ALA A 315 -6.29 -18.49 -3.04
N PRO A 316 -5.02 -18.32 -2.68
CA PRO A 316 -4.33 -19.38 -1.91
C PRO A 316 -4.83 -19.49 -0.49
N PHE A 317 -5.48 -18.46 0.04
CA PHE A 317 -5.87 -18.42 1.44
C PHE A 317 -7.14 -17.59 1.54
N ILE A 318 -8.17 -18.16 2.17
CA ILE A 318 -9.43 -17.48 2.43
C ILE A 318 -9.55 -17.28 3.93
N PRO A 319 -9.58 -16.05 4.43
CA PRO A 319 -9.68 -15.84 5.87
C PRO A 319 -11.00 -16.37 6.40
N LYS A 320 -10.98 -16.87 7.63
CA LYS A 320 -12.21 -17.26 8.30
C LYS A 320 -12.98 -16.00 8.68
N PHE A 321 -14.28 -15.99 8.39
CA PHE A 321 -15.13 -14.85 8.67
C PHE A 321 -16.34 -15.33 9.44
N LYS A 322 -16.44 -14.92 10.70
CA LYS A 322 -17.50 -15.38 11.60
C LYS A 322 -18.76 -14.53 11.53
N GLY A 323 -18.77 -13.47 10.72
N GLY A 323 -18.72 -13.42 10.78
CA GLY A 323 -19.95 -12.68 10.53
CA GLY A 323 -19.83 -12.49 10.75
C GLY A 323 -19.65 -11.21 10.37
C GLY A 323 -19.40 -11.14 10.20
N PRO A 324 -20.68 -10.41 10.13
N PRO A 324 -20.36 -10.22 10.05
CA PRO A 324 -20.47 -8.96 10.00
CA PRO A 324 -20.03 -8.92 9.43
C PRO A 324 -19.96 -8.37 11.31
C PRO A 324 -19.16 -8.03 10.29
N GLY A 325 -18.84 -7.66 11.22
N GLY A 325 -19.28 -8.09 11.62
CA GLY A 325 -18.24 -7.04 12.38
CA GLY A 325 -18.50 -7.23 12.49
C GLY A 325 -17.27 -7.90 13.16
C GLY A 325 -17.43 -7.98 13.25
N ASP A 326 -17.04 -9.14 12.74
CA ASP A 326 -16.05 -9.97 13.41
C ASP A 326 -14.66 -9.37 13.25
N THR A 327 -13.91 -9.34 14.36
CA THR A 327 -12.56 -8.78 14.37
C THR A 327 -11.50 -9.84 14.70
N SER A 328 -11.85 -11.13 14.57
CA SER A 328 -10.94 -12.19 15.01
C SER A 328 -9.61 -12.22 14.27
N ASN A 329 -9.54 -11.66 13.05
CA ASN A 329 -8.31 -11.67 12.27
C ASN A 329 -7.39 -10.49 12.57
N PHE A 330 -7.75 -9.66 13.55
CA PHE A 330 -6.94 -8.52 13.95
C PHE A 330 -6.40 -8.70 15.37
N ASP A 331 -5.22 -8.15 15.61
CA ASP A 331 -4.63 -8.16 16.93
C ASP A 331 -5.32 -7.13 17.83
N ASP A 332 -5.09 -7.26 19.13
CA ASP A 332 -5.68 -6.35 20.10
C ASP A 332 -4.73 -5.18 20.38
N TYR A 333 -5.32 -4.01 20.62
CA TYR A 333 -4.59 -2.80 20.92
C TYR A 333 -5.23 -2.13 22.12
N GLU A 334 -4.43 -1.32 22.81
CA GLU A 334 -4.95 -0.55 23.94
C GLU A 334 -6.00 0.44 23.44
N GLU A 335 -7.14 0.48 24.12
CA GLU A 335 -8.25 1.34 23.73
C GLU A 335 -8.17 2.67 24.47
N GLU A 336 -8.52 3.75 23.78
CA GLU A 336 -8.52 5.08 24.36
C GLU A 336 -9.72 5.85 23.83
N GLU A 337 -10.51 6.43 24.74
CA GLU A 337 -11.71 7.14 24.34
C GLU A 337 -11.38 8.32 23.44
N ILE A 338 -12.22 8.56 22.44
CA ILE A 338 -12.03 9.65 21.50
C ILE A 338 -12.50 10.94 22.17
N ARG A 339 -11.56 11.85 22.44
CA ARG A 339 -11.85 13.10 23.12
C ARG A 339 -12.04 14.20 22.08
N VAL A 340 -13.16 14.92 22.19
CA VAL A 340 -13.46 16.03 21.29
C VAL A 340 -13.56 17.34 22.07
N SEP A 341 -12.63 18.25 21.81
CA SEP A 341 -12.60 19.52 22.52
CB SEP A 341 -11.30 20.27 22.21
OG SEP A 341 -10.33 20.03 23.22
C SEP A 341 -13.78 20.43 22.22
O SEP A 341 -14.42 20.32 21.16
P SEP A 341 -10.40 21.23 24.28
O1P SEP A 341 -10.52 22.63 23.50
O2P SEP A 341 -11.69 21.03 25.22
O3P SEP A 341 -9.07 21.21 25.19
N ILE A 342 -14.07 21.35 23.14
CA ILE A 342 -15.09 22.36 22.93
C ILE A 342 -14.57 23.46 22.02
N ASN A 343 -13.25 23.50 21.83
CA ASN A 343 -12.58 24.52 21.04
C ASN A 343 -11.96 23.90 19.80
N GLU A 344 -12.12 24.58 18.67
CA GLU A 344 -11.54 24.10 17.41
C GLU A 344 -10.03 24.28 17.43
N LYS A 345 -9.30 23.23 17.05
CA LYS A 345 -7.85 23.28 17.00
C LYS A 345 -7.38 23.14 15.56
N CYS A 346 -6.36 23.92 15.20
CA CYS A 346 -5.71 23.85 13.89
C CYS A 346 -6.71 24.02 12.74
N GLY A 347 -7.57 25.03 12.87
CA GLY A 347 -8.62 25.21 11.89
C GLY A 347 -8.12 25.68 10.53
N LYS A 348 -7.18 26.64 10.52
CA LYS A 348 -6.70 27.18 9.26
C LYS A 348 -5.88 26.15 8.47
N GLU A 349 -5.19 25.24 9.17
CA GLU A 349 -4.34 24.28 8.49
C GLU A 349 -5.12 23.18 7.78
N PHE A 350 -6.36 22.91 8.22
CA PHE A 350 -7.15 21.81 7.67
C PHE A 350 -8.44 22.29 7.01
N THR A 351 -8.40 23.50 6.44
CA THR A 351 -9.60 24.06 5.80
C THR A 351 -10.03 23.20 4.61
N GLU A 352 -9.07 22.68 3.85
CA GLU A 352 -9.39 21.91 2.64
C GLU A 352 -9.82 20.47 2.92
N PHE A 353 -9.70 20.00 4.16
CA PHE A 353 -10.05 18.62 4.47
C PHE A 353 -11.57 18.45 4.51
N ALA B 3 19.86 -10.63 12.80
CA ALA B 3 18.83 -10.13 13.71
C ALA B 3 18.21 -8.86 13.15
N GLY B 4 16.93 -8.64 13.44
CA GLY B 4 16.24 -7.47 12.93
C GLY B 4 14.84 -7.39 13.53
N ARG B 5 14.05 -6.48 12.98
CA ARG B 5 12.76 -6.13 13.58
C ARG B 5 11.68 -7.09 13.09
N THR B 6 11.03 -7.79 14.03
CA THR B 6 10.00 -8.76 13.66
C THR B 6 8.58 -8.26 13.93
N GLY B 7 8.42 -7.20 14.71
CA GLY B 7 7.11 -6.63 14.96
C GLY B 7 6.71 -5.59 13.91
N ARG B 8 5.53 -5.03 14.11
CA ARG B 8 5.03 -4.04 13.17
C ARG B 8 5.97 -2.83 13.11
N ARG B 9 6.19 -2.32 11.91
CA ARG B 9 7.16 -1.26 11.65
C ARG B 9 6.44 0.05 11.36
N GLN B 10 6.81 1.09 12.10
CA GLN B 10 6.17 2.39 11.95
C GLN B 10 6.87 3.18 10.86
N ALA B 11 6.09 3.94 10.10
CA ALA B 11 6.69 4.82 9.11
C ALA B 11 7.45 5.95 9.79
N ILE B 12 8.41 6.50 9.05
CA ILE B 12 9.20 7.65 9.50
C ILE B 12 8.84 8.86 8.64
N HIS B 13 8.80 10.03 9.27
CA HIS B 13 8.49 11.26 8.59
C HIS B 13 9.74 12.05 8.20
N ASP B 14 10.91 11.69 8.74
CA ASP B 14 12.14 12.39 8.44
C ASP B 14 13.33 11.55 8.87
N ILE B 15 14.49 11.87 8.28
CA ILE B 15 15.79 11.19 8.50
C ILE B 15 15.74 9.84 9.18
C1 MPD C . -5.55 -5.30 -15.50
C2 MPD C . -5.75 -4.10 -16.42
O2 MPD C . -4.86 -4.23 -17.55
CM MPD C . -7.19 -4.03 -16.91
C3 MPD C . -5.40 -2.81 -15.67
C4 MPD C . -3.96 -2.87 -15.21
O4 MPD C . -3.09 -2.65 -16.30
C5 MPD C . -3.65 -1.83 -14.13
O1 M77 D . -5.88 -2.63 9.52
S1 M77 D . -6.10 -1.24 9.80
O2 M77 D . -6.59 -0.84 11.08
N4 M77 D . -4.67 -0.50 9.59
C22 M77 D . -3.68 -1.21 8.75
C21 M77 D . -2.55 -0.35 8.25
N17 M77 D . -1.49 -0.16 9.27
C16 M77 D . -1.80 0.90 10.27
C20 M77 D . -3.00 0.55 11.16
C15 M77 D . -4.32 0.67 10.42
C5 M77 D . -7.17 -0.61 8.56
C6 M77 D . -6.81 0.56 7.95
C7 M77 D . -7.57 1.09 6.92
C8 M77 D . -8.69 0.45 6.49
C9 M77 D . -9.11 -0.77 7.09
C10 M77 D . -8.36 -1.31 8.16
C11 M77 D . -8.81 -2.51 8.74
C14 M77 D . -10.24 -1.50 6.66
N13 M77 D . -10.64 -2.65 7.21
C12 M77 D . -9.92 -3.12 8.23
#